data_7HJG
#
_entry.id   7HJG
#
_cell.length_a   26.167
_cell.length_b   47.229
_cell.length_c   46.314
_cell.angle_alpha   90.000
_cell.angle_beta   103.320
_cell.angle_gamma   90.000
#
_symmetry.space_group_name_H-M   'P 1 21 1'
#
loop_
_entity.id
_entity.type
_entity.pdbx_description
1 polymer 'De novo designed ABLE protein'
2 non-polymer (5-phenyl-1,2-oxazol-3-yl)methanol
3 water water
#
_entity_poly.entity_id   1
_entity_poly.type   'polypeptide(L)'
_entity_poly.pdbx_seq_one_letter_code
;SVKSEYAEAAAVGQEAVAVFNTMKAAFQNGDKEAVAQYLARLASLYTRHEELLNRILEKARREGNKEAVTLMNEFTATFQ
TGKSIFNAMVAAFKNGDDDSFESYLQALEKVTAKGETLADQIAKAL
;
_entity_poly.pdbx_strand_id   A
#
# COMPACT_ATOMS: atom_id res chain seq x y z
N SER A 1 0.52 19.05 12.98
N SER A 1 0.01 19.40 12.77
CA SER A 1 -0.73 18.48 13.52
CA SER A 1 -0.95 18.56 13.53
C SER A 1 -0.86 17.06 13.02
C SER A 1 -0.98 17.15 12.98
N VAL A 2 -1.74 16.28 13.67
CA VAL A 2 -1.98 14.92 13.18
C VAL A 2 -2.60 15.00 11.78
N LYS A 3 -3.36 16.06 11.51
N LYS A 3 -3.35 16.07 11.50
CA LYS A 3 -4.05 16.17 10.23
CA LYS A 3 -4.02 16.19 10.22
C LYS A 3 -3.07 16.42 9.09
C LYS A 3 -3.01 16.44 9.10
N SER A 4 -2.10 17.33 9.30
N SER A 4 -2.07 17.37 9.32
CA SER A 4 -1.04 17.51 8.32
CA SER A 4 -0.98 17.55 8.35
C SER A 4 -0.16 16.27 8.22
C SER A 4 -0.15 16.28 8.23
N GLU A 5 0.03 15.56 9.33
CA GLU A 5 0.77 14.32 9.27
C GLU A 5 -0.01 13.28 8.45
N TYR A 6 -1.34 13.30 8.51
CA TYR A 6 -2.08 12.38 7.67
C TYR A 6 -2.01 12.80 6.21
N ALA A 7 -1.96 14.10 5.93
N ALA A 7 -1.96 14.10 5.93
CA ALA A 7 -1.80 14.56 4.56
CA ALA A 7 -1.79 14.55 4.55
C ALA A 7 -0.46 14.11 3.97
C ALA A 7 -0.46 14.11 3.97
N GLU A 8 0.60 14.15 4.78
CA GLU A 8 1.87 13.66 4.33
C GLU A 8 1.79 12.16 4.07
N ALA A 9 1.11 11.43 4.95
CA ALA A 9 0.95 9.99 4.74
C ALA A 9 0.11 9.71 3.51
N ALA A 10 -0.96 10.48 3.30
N ALA A 10 -0.96 10.48 3.30
CA ALA A 10 -1.78 10.28 2.12
CA ALA A 10 -1.78 10.27 2.11
C ALA A 10 -0.96 10.49 0.84
C ALA A 10 -0.96 10.49 0.84
N ALA A 11 -0.05 11.45 0.85
CA ALA A 11 0.75 11.73 -0.35
C ALA A 11 1.70 10.58 -0.63
N VAL A 12 2.32 10.04 0.41
CA VAL A 12 3.20 8.89 0.24
C VAL A 12 2.41 7.71 -0.29
N GLY A 13 1.20 7.49 0.21
CA GLY A 13 0.38 6.42 -0.37
C GLY A 13 0.10 6.63 -1.85
N GLN A 14 -0.17 7.90 -2.23
CA GLN A 14 -0.41 8.21 -3.65
C GLN A 14 0.84 8.02 -4.48
N GLU A 15 2.00 8.28 -3.92
CA GLU A 15 3.23 8.02 -4.65
C GLU A 15 3.36 6.54 -4.97
N ALA A 16 3.02 5.70 -4.00
CA ALA A 16 3.06 4.27 -4.23
C ALA A 16 2.03 3.87 -5.28
N VAL A 17 0.87 4.52 -5.31
CA VAL A 17 -0.10 4.24 -6.37
C VAL A 17 0.49 4.56 -7.73
N ALA A 18 1.17 5.70 -7.82
CA ALA A 18 1.77 6.07 -9.10
C ALA A 18 2.80 5.06 -9.53
N VAL A 19 3.72 4.71 -8.64
CA VAL A 19 4.79 3.79 -9.01
C VAL A 19 4.21 2.41 -9.33
N PHE A 20 3.15 2.02 -8.61
N PHE A 20 3.19 2.00 -8.56
CA PHE A 20 2.48 0.76 -8.92
CA PHE A 20 2.55 0.71 -8.80
C PHE A 20 1.94 0.76 -10.34
C PHE A 20 2.01 0.62 -10.21
N ASN A 21 1.37 1.87 -10.81
N ASN A 21 1.28 1.64 -10.66
CA ASN A 21 0.78 1.85 -12.13
CA ASN A 21 0.70 1.54 -12.00
C ASN A 21 1.86 1.77 -13.21
C ASN A 21 1.76 1.63 -13.08
N THR A 22 2.99 2.43 -13.00
N THR A 22 2.85 2.34 -12.82
CA THR A 22 4.11 2.28 -13.92
CA THR A 22 3.98 2.35 -13.74
C THR A 22 4.59 0.84 -13.93
C THR A 22 4.72 1.01 -13.71
N MET A 23 4.78 0.27 -12.74
N MET A 23 4.70 0.34 -12.56
CA MET A 23 5.28 -1.10 -12.63
CA MET A 23 5.25 -1.01 -12.46
C MET A 23 4.38 -2.07 -13.37
C MET A 23 4.34 -2.03 -13.17
N LYS A 24 3.06 -1.97 -13.17
N LYS A 24 3.02 -1.83 -13.10
CA LYS A 24 2.12 -2.84 -13.88
CA LYS A 24 2.08 -2.71 -13.78
C LYS A 24 2.37 -2.77 -15.37
C LYS A 24 2.18 -2.57 -15.30
N ALA A 25 2.45 -1.56 -15.91
N ALA A 25 2.48 -1.37 -15.80
CA ALA A 25 2.75 -1.41 -17.34
CA ALA A 25 2.77 -1.21 -17.23
C ALA A 25 4.08 -2.08 -17.70
C ALA A 25 4.05 -1.92 -17.63
N ALA A 26 5.11 -1.87 -16.89
N ALA A 26 5.12 -1.77 -16.84
CA ALA A 26 6.40 -2.49 -17.18
CA ALA A 26 6.36 -2.46 -17.15
C ALA A 26 6.32 -4.01 -17.09
C ALA A 26 6.12 -3.96 -17.24
N PHE A 27 5.47 -4.54 -16.21
CA PHE A 27 5.24 -5.99 -16.14
C PHE A 27 4.56 -6.49 -17.41
N GLN A 28 3.48 -5.81 -17.80
N GLN A 28 3.49 -5.79 -17.81
CA GLN A 28 2.78 -6.23 -19.02
CA GLN A 28 2.73 -6.20 -18.98
C GLN A 28 3.75 -6.27 -20.19
C GLN A 28 3.56 -6.09 -20.25
N ASN A 29 4.62 -5.26 -20.30
N ASN A 29 4.57 -5.22 -20.26
CA ASN A 29 5.57 -5.14 -21.40
CA ASN A 29 5.48 -5.10 -21.39
C ASN A 29 6.80 -6.03 -21.24
C ASN A 29 6.65 -6.07 -21.33
N GLY A 30 6.97 -6.69 -20.10
N GLY A 30 6.78 -6.83 -20.24
CA GLY A 30 8.08 -7.60 -19.95
CA GLY A 30 7.85 -7.79 -20.14
C GLY A 30 9.42 -6.91 -19.74
C GLY A 30 9.18 -7.19 -19.78
N ASP A 31 9.41 -5.69 -19.19
N ASP A 31 9.18 -5.92 -19.33
CA ASP A 31 10.64 -4.94 -18.89
CA ASP A 31 10.38 -5.19 -18.94
C ASP A 31 11.04 -5.26 -17.44
C ASP A 31 10.66 -5.56 -17.49
N LYS A 32 11.55 -6.49 -17.26
N LYS A 32 11.33 -6.71 -17.31
CA LYS A 32 11.73 -7.00 -15.90
CA LYS A 32 11.55 -7.24 -15.98
C LYS A 32 12.79 -6.21 -15.15
C LYS A 32 12.52 -6.40 -15.19
N GLU A 33 13.79 -5.66 -15.85
N GLU A 33 13.50 -5.80 -15.85
CA GLU A 33 14.74 -4.78 -15.17
CA GLU A 33 14.49 -4.99 -15.15
C GLU A 33 14.03 -3.59 -14.55
C GLU A 33 13.84 -3.78 -14.47
N ALA A 34 12.99 -3.07 -15.22
CA ALA A 34 12.24 -1.97 -14.63
C ALA A 34 11.38 -2.46 -13.47
N VAL A 35 10.69 -3.58 -13.67
N VAL A 35 10.71 -3.60 -13.66
CA VAL A 35 9.80 -4.08 -12.62
CA VAL A 35 9.88 -4.13 -12.58
C VAL A 35 10.55 -4.24 -11.32
C VAL A 35 10.71 -4.35 -11.33
N ALA A 36 11.76 -4.82 -11.38
N ALA A 36 11.87 -5.01 -11.48
CA ALA A 36 12.57 -4.96 -10.16
CA ALA A 36 12.71 -5.27 -10.31
C ALA A 36 12.73 -3.61 -9.46
C ALA A 36 13.03 -3.99 -9.56
N GLN A 37 13.21 -2.60 -10.19
N GLN A 37 13.28 -2.91 -10.29
CA GLN A 37 13.45 -1.30 -9.58
CA GLN A 37 13.62 -1.65 -9.64
C GLN A 37 12.18 -0.72 -9.01
C GLN A 37 12.38 -1.03 -9.01
N TYR A 38 11.06 -0.87 -9.70
N TYR A 38 11.28 -0.99 -9.77
CA TYR A 38 9.80 -0.36 -9.15
CA TYR A 38 10.04 -0.44 -9.22
C TYR A 38 9.40 -1.13 -7.90
C TYR A 38 9.63 -1.16 -7.95
N LEU A 39 9.65 -2.45 -7.87
N LEU A 39 9.73 -2.50 -7.92
CA LEU A 39 9.31 -3.23 -6.67
CA LEU A 39 9.33 -3.21 -6.71
C LEU A 39 10.17 -2.82 -5.48
C LEU A 39 10.16 -2.77 -5.51
N ALA A 40 11.45 -2.52 -5.72
CA ALA A 40 12.28 -2.00 -4.62
C ALA A 40 11.76 -0.63 -4.17
N ARG A 41 11.41 0.23 -5.12
N ARG A 41 11.38 0.21 -5.13
CA ARG A 41 10.87 1.54 -4.77
CA ARG A 41 10.87 1.54 -4.80
C ARG A 41 9.59 1.41 -3.97
C ARG A 41 9.56 1.43 -4.02
N LEU A 42 8.76 0.43 -4.32
N LEU A 42 8.62 0.64 -4.53
CA LEU A 42 7.54 0.18 -3.56
CA LEU A 42 7.33 0.48 -3.87
C LEU A 42 7.84 -0.39 -2.17
C LEU A 42 7.48 0.03 -2.43
N ALA A 43 8.87 -1.22 -2.04
N ALA A 43 8.31 -0.99 -2.17
CA ALA A 43 9.18 -1.77 -0.73
CA ALA A 43 8.51 -1.42 -0.78
C ALA A 43 9.53 -0.64 0.24
C ALA A 43 8.96 -0.25 0.08
N SER A 44 10.24 0.37 -0.24
N SER A 44 9.92 0.53 -0.42
CA SER A 44 10.60 1.51 0.59
CA SER A 44 10.42 1.67 0.33
C SER A 44 9.38 2.35 0.92
C SER A 44 9.32 2.68 0.62
N LEU A 45 8.61 2.70 -0.11
N LEU A 45 8.37 2.81 -0.30
CA LEU A 45 7.42 3.54 0.08
CA LEU A 45 7.25 3.72 -0.13
C LEU A 45 6.44 2.91 1.05
C LEU A 45 6.21 3.17 0.81
N TYR A 46 6.22 1.60 0.96
N TYR A 46 5.86 1.89 0.66
CA TYR A 46 5.30 0.97 1.91
CA TYR A 46 4.90 1.27 1.57
C TYR A 46 5.88 0.96 3.31
C TYR A 46 5.46 1.20 2.98
N THR A 47 7.18 0.69 3.46
N THR A 47 6.77 0.97 3.12
CA THR A 47 7.80 0.79 4.77
CA THR A 47 7.37 0.89 4.46
C THR A 47 7.55 2.18 5.37
C THR A 47 7.31 2.25 5.17
N ARG A 48 7.81 3.23 4.58
N ARG A 48 7.48 3.32 4.39
CA ARG A 48 7.59 4.59 5.03
CA ARG A 48 7.38 4.69 4.90
C ARG A 48 6.14 4.81 5.42
C ARG A 48 5.93 5.11 5.12
N HIS A 49 5.21 4.52 4.51
N HIS A 49 5.00 4.57 4.33
CA HIS A 49 3.80 4.71 4.78
CA HIS A 49 3.60 4.80 4.61
C HIS A 49 3.40 3.98 6.08
C HIS A 49 3.18 4.13 5.91
N GLU A 50 3.70 2.69 6.16
N GLU A 50 3.61 2.88 6.10
CA GLU A 50 3.33 1.92 7.34
CA GLU A 50 3.32 2.18 7.35
C GLU A 50 3.81 2.59 8.61
C GLU A 50 3.81 2.98 8.56
N GLU A 51 5.02 3.16 8.58
N GLU A 51 4.98 3.60 8.44
CA GLU A 51 5.55 3.81 9.77
CA GLU A 51 5.52 4.31 9.61
C GLU A 51 4.79 5.08 10.10
C GLU A 51 4.71 5.56 9.91
N LEU A 52 4.48 5.90 9.09
N LEU A 52 4.31 6.30 8.88
CA LEU A 52 3.69 7.11 9.31
CA LEU A 52 3.45 7.45 9.12
C LEU A 52 2.33 6.78 9.90
C LEU A 52 2.09 7.02 9.64
N LEU A 53 1.62 5.84 9.26
CA LEU A 53 0.33 5.41 9.74
C LEU A 53 0.41 5.01 11.19
N ASN A 54 1.49 4.31 11.58
CA ASN A 54 1.58 3.89 12.96
C ASN A 54 1.67 5.10 13.87
N ARG A 55 2.50 6.08 13.49
N ARG A 55 2.51 6.07 13.50
CA ARG A 55 2.65 7.28 14.32
CA ARG A 55 2.65 7.28 14.32
C ARG A 55 1.34 8.05 14.44
C ARG A 55 1.32 8.01 14.45
N ILE A 56 0.58 8.10 13.36
CA ILE A 56 -0.74 8.72 13.39
C ILE A 56 -1.67 7.96 14.33
N LEU A 57 -1.67 6.61 14.28
CA LEU A 57 -2.59 5.86 15.14
C LEU A 57 -2.20 6.02 16.62
N GLU A 58 -0.90 5.87 16.90
CA GLU A 58 -0.42 6.09 18.27
C GLU A 58 -0.81 7.48 18.78
N LYS A 59 -0.76 8.48 17.92
CA LYS A 59 -1.07 9.84 18.38
C LYS A 59 -2.57 9.99 18.62
N ALA A 60 -3.38 9.44 17.72
N ALA A 60 -3.38 9.44 17.72
CA ALA A 60 -4.81 9.42 17.95
CA ALA A 60 -4.81 9.41 17.95
C ALA A 60 -5.14 8.75 19.28
C ALA A 60 -5.14 8.75 19.28
N ARG A 61 -4.41 7.69 19.62
CA ARG A 61 -4.67 6.99 20.89
C ARG A 61 -4.30 7.87 22.07
N ARG A 62 -3.17 8.55 21.98
N ARG A 62 -3.13 8.50 22.00
CA ARG A 62 -2.76 9.47 23.05
CA ARG A 62 -2.70 9.37 23.10
C ARG A 62 -3.72 10.66 23.16
C ARG A 62 -3.64 10.57 23.27
N GLU A 63 -4.27 11.11 22.04
N GLU A 63 -4.29 10.99 22.18
CA GLU A 63 -5.24 12.20 22.02
CA GLU A 63 -5.28 12.05 22.22
C GLU A 63 -6.64 11.77 22.39
C GLU A 63 -6.64 11.57 22.69
N GLY A 64 -6.84 10.49 22.71
N GLY A 64 -6.85 10.26 22.75
CA GLY A 64 -8.16 9.98 23.07
CA GLY A 64 -8.17 9.72 23.05
C GLY A 64 -9.21 10.13 21.99
C GLY A 64 -9.21 9.98 21.98
N ASN A 65 -8.81 10.09 20.71
CA ASN A 65 -9.74 10.34 19.61
C ASN A 65 -10.32 9.00 19.18
N LYS A 66 -11.33 8.55 19.92
N LYS A 66 -11.32 8.56 19.93
CA LYS A 66 -11.77 7.17 19.82
CA LYS A 66 -11.81 7.19 19.81
C LYS A 66 -12.24 6.83 18.40
C LYS A 66 -12.21 6.86 18.38
N GLU A 67 -12.96 7.74 17.75
N GLU A 67 -12.97 7.74 17.73
CA GLU A 67 -13.39 7.42 16.40
CA GLU A 67 -13.40 7.42 16.38
C GLU A 67 -12.19 7.27 15.48
C GLU A 67 -12.21 7.29 15.45
N ALA A 68 -11.23 8.19 15.57
CA ALA A 68 -10.08 8.08 14.67
C ALA A 68 -9.29 6.80 14.95
N VAL A 69 -9.20 6.40 16.22
CA VAL A 69 -8.52 5.16 16.57
C VAL A 69 -9.23 3.96 15.97
N THR A 70 -10.56 3.95 16.03
CA THR A 70 -11.32 2.84 15.46
C THR A 70 -11.03 2.73 13.98
N LEU A 71 -11.15 3.85 13.27
CA LEU A 71 -10.98 3.83 11.83
C LEU A 71 -9.55 3.48 11.46
N MET A 72 -8.58 3.99 12.22
CA MET A 72 -7.19 3.67 11.92
C MET A 72 -6.85 2.21 12.23
N ASN A 73 -7.38 1.64 13.33
N ASN A 73 -7.45 1.62 13.28
CA ASN A 73 -7.16 0.21 13.57
CA ASN A 73 -7.32 0.18 13.46
C ASN A 73 -7.64 -0.63 12.40
C ASN A 73 -7.85 -0.58 12.24
N GLU A 74 -8.81 -0.30 11.85
N GLU A 74 -9.04 -0.20 11.78
CA GLU A 74 -9.30 -1.02 10.68
CA GLU A 74 -9.59 -0.84 10.57
C GLU A 74 -8.39 -0.77 9.50
C GLU A 74 -8.69 -0.63 9.37
N PHE A 75 -8.04 0.49 9.25
N PHE A 75 -8.13 0.57 9.24
CA PHE A 75 -7.29 0.86 8.05
CA PHE A 75 -7.23 0.86 8.12
C PHE A 75 -5.89 0.25 8.05
C PHE A 75 -5.95 0.04 8.19
N THR A 76 -5.25 0.19 9.21
N THR A 76 -5.28 0.06 9.35
CA THR A 76 -3.95 -0.46 9.30
CA THR A 76 -4.02 -0.67 9.50
C THR A 76 -4.09 -1.97 9.10
C THR A 76 -4.23 -2.18 9.32
N ALA A 77 -5.11 -2.57 9.71
N ALA A 77 -5.45 -2.68 9.57
CA ALA A 77 -5.37 -3.99 9.47
CA ALA A 77 -5.73 -4.09 9.31
C ALA A 77 -5.35 -4.28 7.98
C ALA A 77 -5.77 -4.39 7.82
N THR A 78 -6.07 -3.47 7.21
N THR A 78 -6.48 -3.56 7.06
CA THR A 78 -6.20 -3.70 5.77
CA THR A 78 -6.43 -3.67 5.59
C THR A 78 -4.92 -3.33 5.02
C THR A 78 -5.00 -3.47 5.09
N PHE A 79 -4.22 -2.28 5.47
N PHE A 79 -4.22 -2.62 5.75
CA PHE A 79 -2.90 -2.03 4.91
CA PHE A 79 -2.86 -2.34 5.29
C PHE A 79 -2.07 -3.31 4.97
C PHE A 79 -1.94 -3.55 5.44
N GLN A 80 -2.09 -3.98 6.12
N GLN A 80 -2.17 -4.39 6.46
CA GLN A 80 -1.36 -5.25 6.25
CA GLN A 80 -1.33 -5.57 6.62
C GLN A 80 -1.85 -6.29 5.22
C GLN A 80 -1.67 -6.66 5.61
N THR A 81 -3.16 -6.32 4.93
N THR A 81 -2.91 -6.68 5.12
CA THR A 81 -3.65 -7.24 3.90
CA THR A 81 -3.25 -7.56 4.00
C THR A 81 -3.05 -6.89 2.55
C THR A 81 -2.43 -7.19 2.77
N GLY A 82 -2.97 -5.60 2.23
N GLY A 82 -2.41 -5.90 2.44
CA GLY A 82 -2.31 -5.20 1.00
CA GLY A 82 -1.61 -5.47 1.31
C GLY A 82 -0.82 -5.49 1.04
C GLY A 82 -0.18 -5.91 1.43
N LYS A 83 -0.20 -5.35 2.21
N LYS A 83 0.42 -5.69 2.60
CA LYS A 83 1.23 -5.57 2.34
CA LYS A 83 1.77 -6.15 2.89
C LYS A 83 1.59 -7.04 2.14
C LYS A 83 1.94 -7.64 2.58
N SER A 84 0.83 -7.95 2.75
N SER A 84 1.04 -8.48 3.10
CA SER A 84 1.07 -9.36 2.52
CA SER A 84 1.15 -9.92 2.89
C SER A 84 0.89 -9.72 1.04
C SER A 84 1.14 -10.25 1.40
N ILE A 85 -0.07 -9.08 0.37
N ILE A 85 0.11 -9.78 0.68
CA ILE A 85 -0.30 -9.39 -1.04
CA ILE A 85 0.00 -10.04 -0.74
C ILE A 85 0.84 -8.85 -1.89
C ILE A 85 1.16 -9.38 -1.50
N PHE A 86 1.40 -7.69 -1.52
N PHE A 86 1.57 -8.18 -1.09
CA PHE A 86 2.55 -7.14 -2.22
CA PHE A 86 2.72 -7.56 -1.74
C PHE A 86 3.75 -8.06 -2.08
C PHE A 86 3.96 -8.42 -1.60
N ASN A 87 4.02 -8.49 -0.85
N ASN A 87 4.19 -8.99 -0.42
CA ASN A 87 5.18 -9.32 -0.61
CA ASN A 87 5.39 -9.80 -0.26
C ASN A 87 5.07 -10.64 -1.38
C ASN A 87 5.29 -11.09 -1.08
N ALA A 88 3.87 -11.22 -1.42
N ALA A 88 4.09 -11.62 -1.28
CA ALA A 88 3.67 -12.43 -2.22
CA ALA A 88 3.93 -12.78 -2.16
C ALA A 88 3.90 -12.16 -3.70
C ALA A 88 4.14 -12.39 -3.61
N MET A 89 3.64 -10.93 -4.13
N MET A 89 3.69 -11.20 -4.00
CA MET A 89 3.90 -10.54 -5.50
CA MET A 89 3.92 -10.72 -5.35
C MET A 89 5.41 -10.45 -5.78
C MET A 89 5.41 -10.67 -5.65
N VAL A 90 6.18 -9.98 -4.78
CA VAL A 90 7.62 -9.90 -4.93
C VAL A 90 8.22 -11.29 -5.02
N ALA A 91 7.71 -12.22 -4.21
N ALA A 91 7.71 -12.22 -4.21
CA ALA A 91 8.19 -13.59 -4.26
CA ALA A 91 8.19 -13.59 -4.26
C ALA A 91 7.85 -14.24 -5.60
C ALA A 91 7.85 -14.24 -5.60
N ALA A 92 6.65 -13.97 -6.13
CA ALA A 92 6.32 -14.50 -7.46
C ALA A 92 7.23 -13.91 -8.52
N PHE A 93 7.65 -12.66 -8.36
CA PHE A 93 8.59 -12.10 -9.33
C PHE A 93 9.94 -12.77 -9.23
N LYS A 94 10.42 -12.97 -8.01
N LYS A 94 10.42 -12.96 -8.00
CA LYS A 94 11.70 -13.64 -7.80
CA LYS A 94 11.65 -13.69 -7.77
C LYS A 94 11.69 -15.04 -8.38
C LYS A 94 11.60 -15.08 -8.37
N ASN A 95 10.56 -15.74 -8.26
N ASN A 95 10.47 -15.77 -8.23
CA ASN A 95 10.43 -17.11 -8.73
CA ASN A 95 10.31 -17.14 -8.71
C ASN A 95 10.14 -17.21 -10.22
C ASN A 95 10.08 -17.22 -10.22
N GLY A 96 9.89 -16.10 -10.90
CA GLY A 96 9.52 -16.15 -12.31
C GLY A 96 8.10 -16.65 -12.56
N ASP A 97 7.21 -16.54 -11.59
CA ASP A 97 5.84 -17.04 -11.72
C ASP A 97 4.93 -15.87 -12.12
N ASP A 98 4.77 -15.69 -13.43
N ASP A 98 4.78 -15.69 -13.43
CA ASP A 98 3.98 -14.56 -13.91
CA ASP A 98 3.99 -14.57 -13.93
C ASP A 98 2.50 -14.76 -13.69
C ASP A 98 2.50 -14.76 -13.69
N ASP A 99 2.03 -16.01 -13.62
CA ASP A 99 0.63 -16.23 -13.34
C ASP A 99 0.29 -15.74 -11.92
N SER A 100 1.11 -16.10 -10.95
CA SER A 100 0.87 -15.62 -9.60
C SER A 100 1.05 -14.12 -9.50
N PHE A 101 2.06 -13.57 -10.19
CA PHE A 101 2.28 -12.12 -10.16
C PHE A 101 1.04 -11.38 -10.67
N GLU A 102 0.48 -11.83 -11.79
N GLU A 102 0.50 -11.79 -11.82
CA GLU A 102 -0.78 -11.26 -12.26
CA GLU A 102 -0.71 -11.16 -12.34
C GLU A 102 -1.86 -11.34 -11.19
C GLU A 102 -1.82 -11.17 -11.31
N SER A 103 -2.01 -12.52 -10.57
N SER A 103 -2.06 -12.34 -10.70
CA SER A 103 -3.07 -12.74 -9.60
CA SER A 103 -3.13 -12.49 -9.71
C SER A 103 -2.93 -11.79 -8.41
C SER A 103 -2.90 -11.56 -8.52
N TYR A 104 -1.78 -11.82 -7.75
N TYR A 104 -1.67 -11.58 -7.97
CA TYR A 104 -1.55 -10.92 -6.63
CA TYR A 104 -1.37 -10.71 -6.83
C TYR A 104 -1.74 -9.47 -7.03
C TYR A 104 -1.50 -9.24 -7.21
N LEU A 105 -1.22 -9.08 -8.20
N LEU A 105 -1.16 -8.88 -8.45
CA LEU A 105 -1.32 -7.68 -8.63
CA LEU A 105 -1.32 -7.50 -8.87
C LEU A 105 -2.78 -7.23 -8.67
C LEU A 105 -2.79 -7.09 -8.85
N GLN A 106 -3.65 -8.04 -9.26
N GLN A 106 -3.69 -7.97 -9.28
CA GLN A 106 -5.08 -7.68 -9.32
CA GLN A 106 -5.12 -7.67 -9.23
C GLN A 106 -5.70 -7.61 -7.93
C GLN A 106 -5.64 -7.62 -7.81
N ALA A 107 -5.37 -8.57 -7.06
N ALA A 107 -5.15 -8.51 -6.94
CA ALA A 107 -5.89 -8.54 -5.70
CA ALA A 107 -5.60 -8.49 -5.54
C ALA A 107 -5.40 -7.31 -4.96
C ALA A 107 -5.25 -7.16 -4.89
N LEU A 108 -4.12 -6.97 -5.15
N LEU A 108 -4.00 -6.73 -5.00
CA LEU A 108 -3.57 -5.79 -4.48
CA LEU A 108 -3.58 -5.47 -4.38
C LEU A 108 -4.27 -4.51 -4.94
C LEU A 108 -4.47 -4.32 -4.84
N GLU A 109 -4.76 -4.50 -6.18
N GLU A 109 -4.83 -4.31 -6.11
CA GLU A 109 -5.53 -3.36 -6.67
CA GLU A 109 -5.72 -3.27 -6.63
C GLU A 109 -6.91 -3.31 -6.03
C GLU A 109 -7.04 -3.26 -5.86
N LYS A 110 -7.57 -4.46 -5.86
N LYS A 110 -7.67 -4.42 -5.72
CA LYS A 110 -8.90 -4.48 -5.27
CA LYS A 110 -8.93 -4.48 -5.00
C LYS A 110 -8.84 -4.21 -3.77
C LYS A 110 -8.74 -4.25 -3.51
N VAL A 111 -7.79 -4.67 -3.09
N VAL A 111 -7.55 -4.54 -2.98
CA VAL A 111 -7.62 -4.35 -1.68
CA VAL A 111 -7.23 -4.22 -1.59
C VAL A 111 -7.40 -2.85 -1.51
C VAL A 111 -7.03 -2.72 -1.43
N THR A 112 -6.63 -2.25 -2.41
N THR A 112 -6.36 -2.09 -2.40
CA THR A 112 -6.38 -0.81 -2.33
CA THR A 112 -6.17 -0.65 -2.34
C THR A 112 -7.63 -0.01 -2.65
C THR A 112 -7.46 0.09 -2.58
N ALA A 113 -8.37 -0.43 -3.69
N ALA A 113 -8.24 -0.35 -3.59
CA ALA A 113 -9.59 0.27 -4.05
CA ALA A 113 -9.48 0.33 -3.91
C ALA A 113 -10.60 0.23 -2.91
C ALA A 113 -10.45 0.27 -2.72
N LYS A 114 -10.83 -0.96 -2.35
N LYS A 114 -10.74 -0.95 -2.24
CA LYS A 114 -11.78 -1.08 -1.24
CA LYS A 114 -11.68 -1.10 -1.13
C LYS A 114 -11.42 -0.13 -0.11
C LYS A 114 -11.27 -0.21 0.04
N GLY A 115 -10.15 -0.13 0.30
N GLY A 115 -9.98 -0.21 0.38
CA GLY A 115 -9.75 0.66 1.46
CA GLY A 115 -9.52 0.54 1.54
C GLY A 115 -9.71 2.16 1.24
C GLY A 115 -9.46 2.05 1.36
N GLU A 116 -10.46 2.67 0.27
N GLU A 116 -10.17 2.59 0.37
CA GLU A 116 -10.36 4.10 -0.04
CA GLU A 116 -10.10 4.01 0.11
C GLU A 116 -11.42 4.93 0.64
C GLU A 116 -11.24 4.80 0.71
N THR A 117 -12.64 4.42 0.79
N THR A 117 -12.44 4.24 0.80
CA THR A 117 -13.64 5.19 1.52
CA THR A 117 -13.51 4.97 1.46
C THR A 117 -13.23 5.34 2.98
C THR A 117 -13.21 5.14 2.94
N LEU A 118 -12.56 4.33 3.54
N LEU A 118 -12.44 4.23 3.52
CA LEU A 118 -12.01 4.44 4.89
CA LEU A 118 -11.95 4.40 4.88
C LEU A 118 -10.92 5.51 4.95
C LEU A 118 -10.89 5.50 4.95
N ALA A 119 -10.00 5.49 3.99
N ALA A 119 -9.95 5.49 4.01
CA ALA A 119 -8.92 6.46 3.97
CA ALA A 119 -8.88 6.47 4.02
C ALA A 119 -9.47 7.88 3.98
C ALA A 119 -9.43 7.89 4.03
N ASP A 120 -10.51 8.15 3.18
N ASP A 120 -10.47 8.15 3.23
CA ASP A 120 -11.11 9.47 3.21
CA ASP A 120 -11.06 9.48 3.25
C ASP A 120 -11.81 9.74 4.54
C ASP A 120 -11.81 9.74 4.55
N GLN A 121 -12.36 8.70 5.18
CA GLN A 121 -13.05 8.91 6.46
C GLN A 121 -12.08 9.27 7.58
N ILE A 122 -10.88 8.72 7.54
CA ILE A 122 -9.88 9.03 8.57
C ILE A 122 -9.50 10.50 8.49
N ALA A 123 -9.23 11.00 7.29
CA ALA A 123 -8.97 12.41 7.10
C ALA A 123 -9.96 13.25 7.91
N LYS A 124 -11.25 12.97 7.75
N LYS A 124 -11.25 12.95 7.76
CA LYS A 124 -12.25 13.81 8.39
CA LYS A 124 -12.31 13.75 8.35
C LYS A 124 -12.25 13.66 9.90
C LYS A 124 -12.48 13.51 9.84
N ALA A 125 -11.81 12.51 10.41
CA ALA A 125 -11.94 12.22 11.83
C ALA A 125 -10.79 12.73 12.67
N LEU A 126 -9.64 12.99 12.10
CA LEU A 126 -8.46 13.21 12.94
C LEU A 126 -8.47 14.53 13.70
#